data_2WGB
#
_entry.id   2WGB
#
_cell.length_a   86.646
_cell.length_b   86.646
_cell.length_c   96.770
_cell.angle_alpha   90.00
_cell.angle_beta   90.00
_cell.angle_gamma   90.00
#
_symmetry.space_group_name_H-M   'P 41 21 2'
#
loop_
_entity.id
_entity.type
_entity.pdbx_description
1 polymer 'TETR FAMILY TRANSCRIPTIONAL REPRESSOR LFRR'
2 non-polymer 'SULFATE ION'
3 water water
#
_entity_poly.entity_id   1
_entity_poly.type   'polypeptide(L)'
_entity_poly.pdbx_seq_one_letter_code
;GMTSPSIESGARERTRRAILDAAMLVLADHPTAALGDIAAAAGVGRSTVHRYYPERTDLLRALARHVHDLSNAAIERADP
TSGPVDAALRRVVESQLDLGPIVLFVYYEPSILADPELAAYFDIGDEAIVEVLNRASTERPEYPPGWARRVFWALMQAGY
EAAKDGMPRHQIVDAIMTSLTSGIITLPRT
;
_entity_poly.pdbx_strand_id   A,B
#
# COMPACT_ATOMS: atom_id res chain seq x y z
N SER A 9 -29.92 6.23 20.79
CA SER A 9 -28.88 7.17 20.39
C SER A 9 -27.50 6.55 20.52
N GLY A 10 -27.40 5.51 21.35
CA GLY A 10 -26.21 4.70 21.40
C GLY A 10 -26.19 3.87 20.13
N ALA A 11 -27.37 3.35 19.78
CA ALA A 11 -27.54 2.59 18.56
C ALA A 11 -27.33 3.48 17.34
N ARG A 12 -27.80 4.72 17.43
CA ARG A 12 -27.69 5.68 16.35
C ARG A 12 -26.22 5.99 16.03
N GLU A 13 -25.43 6.25 17.07
CA GLU A 13 -24.00 6.50 16.88
C GLU A 13 -23.30 5.26 16.31
N ARG A 14 -23.73 4.08 16.75
CA ARG A 14 -23.18 2.84 16.22
C ARG A 14 -23.49 2.71 14.73
N THR A 15 -24.70 3.10 14.35
CA THR A 15 -25.08 3.05 12.94
C THR A 15 -24.25 4.02 12.11
N ARG A 16 -24.13 5.25 12.58
CA ARG A 16 -23.26 6.25 11.93
C ARG A 16 -21.85 5.73 11.73
N ARG A 17 -21.25 5.22 12.79
CA ARG A 17 -19.87 4.77 12.71
C ARG A 17 -19.71 3.57 11.79
N ALA A 18 -20.71 2.69 11.78
CA ALA A 18 -20.71 1.56 10.87
C ALA A 18 -20.73 2.01 9.39
N ILE A 19 -21.54 3.02 9.09
CA ILE A 19 -21.60 3.56 7.71
C ILE A 19 -20.26 4.18 7.29
N LEU A 20 -19.64 4.92 8.20
CA LEU A 20 -18.36 5.56 7.91
C LEU A 20 -17.24 4.52 7.73
N ASP A 21 -17.19 3.53 8.62
CA ASP A 21 -16.18 2.47 8.48
C ASP A 21 -16.38 1.69 7.18
N ALA A 22 -17.64 1.47 6.81
CA ALA A 22 -17.98 0.82 5.54
C ALA A 22 -17.49 1.66 4.36
N ALA A 23 -17.72 2.96 4.42
CA ALA A 23 -17.32 3.85 3.33
C ALA A 23 -15.80 3.83 3.11
N MET A 24 -15.04 3.75 4.20
CA MET A 24 -13.58 3.73 4.10
C MET A 24 -13.09 2.47 3.36
N LEU A 25 -13.71 1.33 3.65
CA LEU A 25 -13.37 0.08 2.98
C LEU A 25 -13.73 0.15 1.49
N VAL A 26 -14.90 0.68 1.19
CA VAL A 26 -15.33 0.84 -0.20
C VAL A 26 -14.35 1.75 -0.97
N LEU A 27 -13.99 2.87 -0.35
CA LEU A 27 -13.10 3.85 -1.01
C LEU A 27 -11.70 3.30 -1.25
N ALA A 28 -11.28 2.36 -0.41
CA ALA A 28 -10.00 1.71 -0.62
C ALA A 28 -9.98 0.96 -1.95
N ASP A 29 -11.15 0.43 -2.36
CA ASP A 29 -11.24 -0.46 -3.52
C ASP A 29 -11.97 0.13 -4.71
N HIS A 30 -12.64 1.26 -4.50
CA HIS A 30 -13.38 1.90 -5.59
C HIS A 30 -13.17 3.40 -5.60
N PRO A 31 -12.88 3.97 -6.79
CA PRO A 31 -12.67 5.41 -6.91
C PRO A 31 -13.78 6.18 -6.20
N THR A 32 -15.02 5.91 -6.58
CA THR A 32 -16.17 6.54 -5.97
C THR A 32 -16.84 5.58 -4.99
N ALA A 33 -17.53 6.14 -3.99
CA ALA A 33 -18.29 5.34 -3.05
C ALA A 33 -19.75 5.30 -3.49
N ALA A 34 -20.09 4.34 -4.34
CA ALA A 34 -21.47 4.19 -4.78
C ALA A 34 -22.36 3.83 -3.59
N LEU A 35 -23.58 4.34 -3.59
CA LEU A 35 -24.52 4.09 -2.51
C LEU A 35 -24.75 2.59 -2.24
N GLY A 36 -24.91 1.81 -3.30
CA GLY A 36 -25.11 0.37 -3.16
C GLY A 36 -23.96 -0.30 -2.41
N ASP A 37 -22.73 0.05 -2.79
CA ASP A 37 -21.55 -0.51 -2.14
C ASP A 37 -21.48 -0.15 -0.65
N ILE A 38 -21.73 1.12 -0.34
CA ILE A 38 -21.63 1.60 1.04
C ILE A 38 -22.68 0.96 1.96
N ALA A 39 -23.92 0.95 1.51
CA ALA A 39 -24.99 0.36 2.30
C ALA A 39 -24.74 -1.15 2.54
N ALA A 40 -24.29 -1.84 1.50
CA ALA A 40 -24.00 -3.27 1.63
C ALA A 40 -22.83 -3.54 2.60
N ALA A 41 -21.80 -2.69 2.55
CA ALA A 41 -20.64 -2.84 3.42
C ALA A 41 -20.96 -2.50 4.87
N ALA A 42 -21.94 -1.63 5.06
CA ALA A 42 -22.39 -1.27 6.41
C ALA A 42 -23.40 -2.29 6.94
N GLY A 43 -24.06 -3.02 6.04
CA GLY A 43 -25.16 -3.89 6.44
C GLY A 43 -26.39 -3.12 6.92
N VAL A 44 -26.67 -1.99 6.26
CA VAL A 44 -27.91 -1.25 6.52
C VAL A 44 -28.59 -0.96 5.18
N GLY A 45 -29.86 -0.55 5.22
CA GLY A 45 -30.58 -0.18 4.02
C GLY A 45 -30.02 1.04 3.32
N ARG A 46 -30.17 1.10 2.00
CA ARG A 46 -29.74 2.28 1.25
C ARG A 46 -30.40 3.52 1.82
N SER A 47 -31.66 3.39 2.26
CA SER A 47 -32.39 4.54 2.78
C SER A 47 -31.85 5.01 4.12
N THR A 48 -31.25 4.10 4.87
CA THR A 48 -30.61 4.45 6.13
C THR A 48 -29.33 5.27 5.89
N VAL A 49 -28.54 4.89 4.90
CA VAL A 49 -27.36 5.69 4.55
C VAL A 49 -27.80 7.12 4.19
N HIS A 50 -28.82 7.22 3.33
CA HIS A 50 -29.34 8.52 2.92
CA HIS A 50 -29.38 8.50 2.92
C HIS A 50 -29.94 9.30 4.09
N ARG A 51 -30.46 8.61 5.09
CA ARG A 51 -31.02 9.29 6.25
C ARG A 51 -29.93 10.07 6.97
N TYR A 52 -28.78 9.43 7.16
CA TYR A 52 -27.65 10.03 7.85
C TYR A 52 -26.86 10.98 6.97
N TYR A 53 -26.73 10.62 5.69
CA TYR A 53 -25.93 11.41 4.77
C TYR A 53 -26.68 11.60 3.46
N PRO A 54 -27.50 12.65 3.38
CA PRO A 54 -28.32 12.97 2.21
C PRO A 54 -27.49 13.04 0.94
N GLU A 55 -26.29 13.62 1.04
CA GLU A 55 -25.41 13.78 -0.10
C GLU A 55 -24.10 13.07 0.16
N ARG A 56 -23.51 12.51 -0.89
CA ARG A 56 -22.24 11.82 -0.76
C ARG A 56 -21.18 12.76 -0.22
N THR A 57 -21.36 14.05 -0.46
CA THR A 57 -20.39 15.01 0.04
C THR A 57 -20.48 15.14 1.57
N ASP A 58 -21.69 14.98 2.13
CA ASP A 58 -21.86 15.00 3.59
C ASP A 58 -21.14 13.80 4.19
N LEU A 59 -21.21 12.68 3.49
CA LEU A 59 -20.59 11.44 3.97
C LEU A 59 -19.05 11.56 4.02
N LEU A 60 -18.49 12.09 2.94
CA LEU A 60 -17.04 12.27 2.85
C LEU A 60 -16.48 13.18 3.93
N ARG A 61 -17.19 14.27 4.21
CA ARG A 61 -16.74 15.21 5.23
C ARG A 61 -16.78 14.56 6.61
N ALA A 62 -17.87 13.85 6.90
CA ALA A 62 -17.99 13.08 8.14
C ALA A 62 -16.95 11.96 8.24
N LEU A 63 -16.66 11.30 7.13
CA LEU A 63 -15.64 10.26 7.13
C LEU A 63 -14.27 10.82 7.51
N ALA A 64 -13.89 11.97 6.94
CA ALA A 64 -12.58 12.56 7.26
C ALA A 64 -12.47 12.85 8.75
N ARG A 65 -13.51 13.43 9.34
CA ARG A 65 -13.49 13.70 10.78
C ARG A 65 -13.35 12.41 11.60
N HIS A 66 -14.04 11.36 11.17
CA HIS A 66 -14.01 10.07 11.87
C HIS A 66 -12.62 9.44 11.78
N VAL A 67 -12.02 9.50 10.60
CA VAL A 67 -10.65 9.00 10.40
C VAL A 67 -9.67 9.76 11.29
N HIS A 68 -9.79 11.08 11.32
CA HIS A 68 -8.94 11.90 12.23
C HIS A 68 -9.13 11.52 13.69
N ASP A 69 -10.38 11.35 14.12
CA ASP A 69 -10.69 10.95 15.49
C ASP A 69 -10.08 9.58 15.84
N LEU A 70 -10.20 8.60 14.94
CA LEU A 70 -9.61 7.28 15.15
C LEU A 70 -8.09 7.32 15.26
N SER A 71 -7.46 8.04 14.32
CA SER A 71 -6.00 8.18 14.32
C SER A 71 -5.52 8.90 15.57
N ASN A 72 -6.25 9.93 15.99
CA ASN A 72 -5.89 10.68 17.19
C ASN A 72 -5.94 9.82 18.44
N ALA A 73 -7.02 9.07 18.60
CA ALA A 73 -7.15 8.18 19.75
C ALA A 73 -6.07 7.10 19.73
N ALA A 74 -5.76 6.59 18.53
CA ALA A 74 -4.76 5.56 18.39
C ALA A 74 -3.39 6.06 18.81
N ILE A 75 -3.00 7.25 18.37
CA ILE A 75 -1.65 7.71 18.68
C ILE A 75 -1.52 8.09 20.16
N GLU A 76 -2.58 8.65 20.74
CA GLU A 76 -2.56 9.00 22.17
C GLU A 76 -2.46 7.75 23.04
N ARG A 77 -3.18 6.71 22.64
CA ARG A 77 -3.13 5.43 23.34
C ARG A 77 -1.81 4.67 23.13
N ALA A 78 -1.16 4.87 21.99
CA ALA A 78 0.15 4.23 21.74
C ALA A 78 1.26 4.85 22.59
N ASP A 79 1.11 6.12 22.95
CA ASP A 79 2.11 6.79 23.79
C ASP A 79 3.54 6.53 23.30
N PRO A 80 3.83 6.87 22.04
CA PRO A 80 5.07 6.49 21.33
C PRO A 80 6.33 7.07 21.97
N THR A 81 6.24 8.18 22.68
CA THR A 81 7.44 8.86 23.17
C THR A 81 7.91 8.34 24.53
N SER A 82 7.11 7.55 25.21
CA SER A 82 7.48 7.11 26.57
C SER A 82 7.93 5.65 26.67
N GLY A 83 9.06 5.46 27.36
CA GLY A 83 9.54 4.13 27.69
C GLY A 83 10.42 3.52 26.62
N PRO A 84 10.87 2.28 26.87
CA PRO A 84 11.77 1.54 25.97
C PRO A 84 11.26 1.62 24.55
N VAL A 85 12.16 1.89 23.62
CA VAL A 85 11.75 2.13 22.24
C VAL A 85 11.18 0.87 21.60
N ASP A 86 11.63 -0.30 22.06
CA ASP A 86 11.12 -1.55 21.50
C ASP A 86 9.64 -1.75 21.82
N ALA A 87 9.27 -1.50 23.08
CA ALA A 87 7.89 -1.64 23.49
C ALA A 87 7.02 -0.56 22.87
N ALA A 88 7.54 0.65 22.77
CA ALA A 88 6.80 1.76 22.17
C ALA A 88 6.50 1.49 20.68
N LEU A 89 7.49 0.99 19.95
CA LEU A 89 7.28 0.64 18.55
C LEU A 89 6.19 -0.42 18.38
N ARG A 90 6.19 -1.44 19.26
CA ARG A 90 5.17 -2.48 19.17
CA ARG A 90 5.17 -2.47 19.19
C ARG A 90 3.76 -1.91 19.41
N ARG A 91 3.62 -1.02 20.38
CA ARG A 91 2.34 -0.35 20.61
C ARG A 91 1.90 0.45 19.37
N VAL A 92 2.84 1.12 18.73
CA VAL A 92 2.57 1.84 17.49
C VAL A 92 2.07 0.90 16.37
N VAL A 93 2.82 -0.17 16.11
CA VAL A 93 2.40 -1.16 15.14
C VAL A 93 0.99 -1.70 15.42
N GLU A 94 0.73 -2.09 16.67
CA GLU A 94 -0.58 -2.61 17.05
C GLU A 94 -1.67 -1.57 16.80
N SER A 95 -1.39 -0.32 17.16
CA SER A 95 -2.35 0.76 17.03
C SER A 95 -2.70 1.03 15.55
N GLN A 96 -1.70 0.97 14.68
CA GLN A 96 -1.94 1.25 13.26
C GLN A 96 -2.64 0.09 12.57
N LEU A 97 -2.27 -1.15 12.93
CA LEU A 97 -2.96 -2.30 12.38
C LEU A 97 -4.44 -2.25 12.71
N ASP A 98 -4.78 -1.82 13.92
CA ASP A 98 -6.19 -1.70 14.31
C ASP A 98 -6.96 -0.59 13.59
N LEU A 99 -6.24 0.33 12.93
CA LEU A 99 -6.89 1.34 12.09
C LEU A 99 -7.35 0.80 10.73
N GLY A 100 -6.99 -0.43 10.41
CA GLY A 100 -7.48 -1.04 9.18
C GLY A 100 -7.07 -0.27 7.93
N PRO A 101 -8.02 0.02 7.04
CA PRO A 101 -7.68 0.58 5.72
C PRO A 101 -7.16 2.03 5.79
N ILE A 102 -7.30 2.67 6.94
CA ILE A 102 -6.76 4.03 7.11
C ILE A 102 -5.25 4.07 6.75
N VAL A 103 -4.53 2.99 7.03
CA VAL A 103 -3.07 3.01 6.76
C VAL A 103 -2.73 3.11 5.27
N LEU A 104 -3.70 2.76 4.42
CA LEU A 104 -3.50 2.85 2.97
C LEU A 104 -3.42 4.30 2.49
N PHE A 105 -3.97 5.22 3.28
CA PHE A 105 -4.09 6.63 2.85
C PHE A 105 -3.09 7.61 3.45
N VAL A 106 -2.11 7.11 4.20
CA VAL A 106 -1.11 7.99 4.83
C VAL A 106 -0.46 8.91 3.77
N TYR A 107 -0.38 10.20 4.08
CA TYR A 107 0.02 11.22 3.12
CA TYR A 107 0.02 11.21 3.09
C TYR A 107 1.41 10.96 2.51
N TYR A 108 2.38 10.64 3.37
CA TYR A 108 3.76 10.49 2.91
C TYR A 108 4.01 9.28 2.02
N GLU A 109 3.24 8.21 2.21
CA GLU A 109 3.49 6.93 1.53
C GLU A 109 2.16 6.20 1.34
N PRO A 110 1.31 6.71 0.43
CA PRO A 110 0.01 6.08 0.21
C PRO A 110 0.17 4.75 -0.51
N SER A 111 -0.78 3.84 -0.29
CA SER A 111 -0.77 2.57 -0.99
C SER A 111 -0.92 2.81 -2.48
N ILE A 112 -0.33 1.93 -3.27
CA ILE A 112 -0.45 1.98 -4.72
C ILE A 112 -1.88 2.13 -5.21
N LEU A 113 -2.85 1.58 -4.46
CA LEU A 113 -4.24 1.67 -4.90
C LEU A 113 -4.98 2.93 -4.43
N ALA A 114 -4.43 3.61 -3.42
CA ALA A 114 -5.08 4.81 -2.88
C ALA A 114 -5.11 5.94 -3.92
N ASP A 115 -6.32 6.44 -4.20
CA ASP A 115 -6.51 7.62 -5.04
C ASP A 115 -5.75 8.76 -4.38
N PRO A 116 -4.77 9.33 -5.10
CA PRO A 116 -3.89 10.34 -4.51
C PRO A 116 -4.67 11.53 -3.98
N GLU A 117 -5.75 11.90 -4.65
CA GLU A 117 -6.53 13.06 -4.22
C GLU A 117 -7.38 12.76 -2.99
N LEU A 118 -7.79 11.51 -2.81
CA LEU A 118 -8.39 11.09 -1.55
C LEU A 118 -7.40 11.14 -0.40
N ALA A 119 -6.18 10.67 -0.64
CA ALA A 119 -5.13 10.79 0.37
C ALA A 119 -4.88 12.26 0.74
N ALA A 120 -4.80 13.12 -0.27
CA ALA A 120 -4.61 14.55 -0.01
C ALA A 120 -5.79 15.14 0.80
N TYR A 121 -7.00 14.68 0.49
CA TYR A 121 -8.19 15.16 1.18
C TYR A 121 -8.20 14.75 2.67
N PHE A 122 -7.95 13.47 2.94
CA PHE A 122 -7.83 13.02 4.32
C PHE A 122 -6.66 13.66 5.08
N ASP A 123 -5.55 13.86 4.38
CA ASP A 123 -4.37 14.55 4.95
C ASP A 123 -3.96 13.93 6.31
N ILE A 124 -3.42 12.73 6.23
CA ILE A 124 -3.04 11.94 7.40
C ILE A 124 -1.52 11.98 7.57
N GLY A 125 -1.04 12.70 8.58
CA GLY A 125 0.39 12.83 8.81
C GLY A 125 0.95 11.75 9.72
N ASP A 126 2.22 11.87 10.11
CA ASP A 126 2.88 10.78 10.85
C ASP A 126 4.08 11.20 11.69
N GLU A 127 4.11 12.45 12.18
CA GLU A 127 5.28 12.91 12.92
C GLU A 127 5.64 12.11 14.20
N ALA A 128 4.64 11.74 15.00
CA ALA A 128 4.94 11.01 16.23
C ALA A 128 5.58 9.67 15.91
N ILE A 129 5.14 9.05 14.84
CA ILE A 129 5.71 7.78 14.39
C ILE A 129 7.11 7.94 13.79
N VAL A 130 7.31 8.98 12.98
CA VAL A 130 8.66 9.32 12.52
C VAL A 130 9.62 9.46 13.70
N GLU A 131 9.16 10.09 14.76
CA GLU A 131 10.03 10.32 15.91
C GLU A 131 10.38 9.04 16.66
N VAL A 132 9.44 8.12 16.78
CA VAL A 132 9.76 6.83 17.40
C VAL A 132 10.75 6.03 16.54
N LEU A 133 10.59 6.09 15.21
CA LEU A 133 11.55 5.43 14.31
C LEU A 133 12.95 6.01 14.44
N ASN A 134 13.01 7.33 14.58
CA ASN A 134 14.28 8.02 14.77
C ASN A 134 14.94 7.58 16.08
N ARG A 135 14.12 7.43 17.11
CA ARG A 135 14.60 7.01 18.42
C ARG A 135 15.25 5.62 18.32
N ALA A 136 14.83 4.84 17.34
CA ALA A 136 15.31 3.47 17.16
C ALA A 136 16.30 3.30 16.00
N SER A 137 16.78 4.40 15.44
CA SER A 137 17.69 4.33 14.30
C SER A 137 19.14 4.57 14.69
N PRO A 141 21.54 1.20 9.27
CA PRO A 141 22.80 1.91 9.48
C PRO A 141 22.75 3.32 8.89
N GLU A 142 23.15 3.43 7.62
CA GLU A 142 23.06 4.69 6.91
C GLU A 142 22.05 4.60 5.76
N TYR A 143 20.78 4.79 6.10
CA TYR A 143 19.73 4.85 5.10
C TYR A 143 19.46 6.30 4.72
N PRO A 144 19.09 6.53 3.46
CA PRO A 144 18.72 7.85 2.96
C PRO A 144 17.62 8.49 3.80
N PRO A 145 17.51 9.82 3.74
CA PRO A 145 16.44 10.57 4.40
C PRO A 145 15.08 10.02 3.98
N GLY A 146 14.22 9.75 4.96
CA GLY A 146 12.87 9.30 4.69
C GLY A 146 12.71 7.81 4.46
N TRP A 147 13.80 7.07 4.29
CA TRP A 147 13.69 5.65 3.94
C TRP A 147 12.97 4.80 5.00
N ALA A 148 13.38 4.93 6.26
CA ALA A 148 12.77 4.17 7.34
C ALA A 148 11.27 4.42 7.41
N ARG A 149 10.87 5.67 7.26
CA ARG A 149 9.46 6.06 7.26
CA ARG A 149 9.43 5.95 7.34
C ARG A 149 8.69 5.36 6.13
N ARG A 150 9.29 5.35 4.95
CA ARG A 150 8.65 4.71 3.79
CA ARG A 150 8.68 4.70 3.78
C ARG A 150 8.47 3.21 4.01
N VAL A 151 9.51 2.56 4.53
CA VAL A 151 9.47 1.13 4.79
C VAL A 151 8.45 0.80 5.87
N PHE A 152 8.40 1.61 6.92
CA PHE A 152 7.44 1.38 7.98
C PHE A 152 6.01 1.38 7.46
N TRP A 153 5.65 2.40 6.68
CA TRP A 153 4.29 2.46 6.15
C TRP A 153 4.02 1.36 5.12
N ALA A 154 4.99 1.05 4.27
CA ALA A 154 4.80 -0.06 3.34
C ALA A 154 4.55 -1.37 4.07
N LEU A 155 5.26 -1.58 5.18
CA LEU A 155 5.09 -2.80 5.98
C LEU A 155 3.74 -2.83 6.73
N MET A 156 3.28 -1.68 7.20
CA MET A 156 1.96 -1.61 7.84
C MET A 156 0.86 -1.96 6.83
N GLN A 157 1.02 -1.47 5.60
CA GLN A 157 0.05 -1.76 4.53
C GLN A 157 0.08 -3.23 4.14
N ALA A 158 1.28 -3.82 4.06
CA ALA A 158 1.40 -5.26 3.85
C ALA A 158 0.71 -6.03 4.96
N GLY A 159 0.85 -5.54 6.20
CA GLY A 159 0.22 -6.22 7.33
C GLY A 159 -1.30 -6.15 7.30
N TYR A 160 -1.83 -4.98 6.96
CA TYR A 160 -3.25 -4.82 6.72
C TYR A 160 -3.77 -5.79 5.64
N GLU A 161 -3.07 -5.87 4.51
CA GLU A 161 -3.49 -6.80 3.47
C GLU A 161 -3.45 -8.26 3.93
N ALA A 162 -2.45 -8.61 4.75
CA ALA A 162 -2.33 -9.97 5.28
C ALA A 162 -3.53 -10.30 6.16
N ALA A 163 -3.94 -9.32 6.96
CA ALA A 163 -5.08 -9.49 7.86
C ALA A 163 -6.35 -9.63 7.04
N LYS A 164 -6.47 -8.83 6.00
CA LYS A 164 -7.60 -8.91 5.09
C LYS A 164 -7.64 -10.26 4.42
N ASP A 165 -6.47 -10.85 4.21
CA ASP A 165 -6.35 -12.14 3.53
C ASP A 165 -6.41 -13.32 4.52
N GLY A 166 -6.86 -13.07 5.74
CA GLY A 166 -7.14 -14.15 6.68
C GLY A 166 -6.12 -14.50 7.77
N MET A 167 -5.03 -13.76 7.89
CA MET A 167 -3.98 -14.07 8.87
CA MET A 167 -4.03 -14.12 8.89
C MET A 167 -4.27 -13.44 10.24
N PRO A 168 -3.94 -14.16 11.33
CA PRO A 168 -4.18 -13.67 12.70
C PRO A 168 -3.41 -12.38 12.98
N ARG A 169 -4.03 -11.46 13.72
CA ARG A 169 -3.43 -10.16 14.01
C ARG A 169 -2.14 -10.29 14.81
N HIS A 170 -2.09 -11.24 15.74
CA HIS A 170 -0.91 -11.34 16.60
C HIS A 170 0.32 -11.75 15.81
N GLN A 171 0.16 -12.70 14.90
CA GLN A 171 1.25 -13.14 14.04
C GLN A 171 1.76 -12.02 13.14
N ILE A 172 0.85 -11.16 12.70
CA ILE A 172 1.20 -10.05 11.81
C ILE A 172 2.02 -8.99 12.55
N VAL A 173 1.57 -8.63 13.74
CA VAL A 173 2.31 -7.68 14.58
C VAL A 173 3.74 -8.18 14.82
N ASP A 174 3.87 -9.43 15.23
CA ASP A 174 5.18 -10.04 15.44
C ASP A 174 6.00 -10.06 14.17
N ALA A 175 5.34 -10.33 13.04
CA ALA A 175 6.04 -10.40 11.75
C ALA A 175 6.58 -9.03 11.34
N ILE A 176 5.76 -8.00 11.52
CA ILE A 176 6.19 -6.63 11.22
C ILE A 176 7.36 -6.22 12.10
N MET A 177 7.27 -6.53 13.40
CA MET A 177 8.33 -6.18 14.32
C MET A 177 9.68 -6.83 13.95
N THR A 178 9.65 -8.11 13.59
CA THR A 178 10.87 -8.83 13.23
C THR A 178 11.45 -8.32 11.92
N SER A 179 10.57 -8.04 10.97
CA SER A 179 10.99 -7.51 9.68
C SER A 179 11.64 -6.14 9.87
N LEU A 180 11.06 -5.32 10.76
CA LEU A 180 11.60 -4.00 11.05
C LEU A 180 13.01 -4.08 11.64
N THR A 181 13.23 -5.03 12.54
CA THR A 181 14.48 -5.09 13.29
C THR A 181 15.54 -6.03 12.69
N SER A 182 15.10 -6.97 11.86
CA SER A 182 16.02 -8.01 11.40
C SER A 182 15.98 -8.26 9.89
N GLY A 183 14.93 -7.83 9.22
CA GLY A 183 14.74 -8.18 7.84
C GLY A 183 14.25 -9.61 7.72
N ILE A 184 14.33 -10.18 6.53
CA ILE A 184 13.73 -11.49 6.28
C ILE A 184 14.72 -12.57 5.84
N ILE A 185 15.90 -12.17 5.39
CA ILE A 185 16.90 -13.17 4.96
C ILE A 185 18.29 -12.95 5.55
N THR A 186 19.09 -13.99 5.53
CA THR A 186 20.46 -13.96 6.06
C THR A 186 21.46 -14.31 4.97
N ARG B 17 -2.38 -1.61 -28.58
CA ARG B 17 -1.16 -1.71 -27.80
C ARG B 17 -0.81 -0.39 -27.12
N ALA B 18 -0.78 0.68 -27.91
CA ALA B 18 -0.45 2.00 -27.38
C ALA B 18 -1.43 2.38 -26.28
N ILE B 19 -2.59 1.74 -26.29
CA ILE B 19 -3.60 1.93 -25.25
C ILE B 19 -3.11 1.30 -23.94
N LEU B 20 -2.52 0.12 -24.05
CA LEU B 20 -1.95 -0.57 -22.91
C LEU B 20 -0.66 0.13 -22.47
N ASP B 21 0.04 0.73 -23.43
CA ASP B 21 1.20 1.54 -23.12
C ASP B 21 0.77 2.75 -22.29
N ALA B 22 -0.23 3.46 -22.78
CA ALA B 22 -0.74 4.63 -22.09
C ALA B 22 -1.22 4.24 -20.69
N ALA B 23 -1.93 3.13 -20.62
CA ALA B 23 -2.45 2.62 -19.36
C ALA B 23 -1.35 2.45 -18.31
N MET B 24 -0.26 1.78 -18.70
CA MET B 24 0.87 1.56 -17.80
C MET B 24 1.38 2.89 -17.25
N LEU B 25 1.54 3.86 -18.14
CA LEU B 25 2.07 5.17 -17.76
C LEU B 25 1.10 5.90 -16.84
N VAL B 26 -0.16 5.95 -17.25
CA VAL B 26 -1.18 6.70 -16.52
C VAL B 26 -1.54 6.07 -15.19
N LEU B 27 -1.90 4.79 -15.20
CA LEU B 27 -2.36 4.12 -13.99
C LEU B 27 -1.29 4.03 -12.92
N ALA B 28 -0.03 4.07 -13.34
CA ALA B 28 1.09 3.98 -12.39
C ALA B 28 1.03 5.06 -11.31
N ASP B 29 0.60 6.26 -11.69
CA ASP B 29 0.51 7.39 -10.75
C ASP B 29 -0.91 7.78 -10.38
N HIS B 30 -1.86 7.44 -11.24
CA HIS B 30 -3.27 7.73 -10.98
C HIS B 30 -4.06 6.44 -11.15
N PRO B 31 -4.06 5.60 -10.10
CA PRO B 31 -4.62 4.23 -10.14
C PRO B 31 -6.12 4.20 -10.43
N THR B 32 -6.82 5.28 -10.10
CA THR B 32 -8.27 5.31 -10.28
C THR B 32 -8.65 6.10 -11.52
N ALA B 33 -7.68 6.33 -12.41
CA ALA B 33 -7.91 7.11 -13.62
C ALA B 33 -8.99 6.49 -14.52
N ALA B 34 -9.69 7.35 -15.26
CA ALA B 34 -10.78 6.90 -16.12
C ALA B 34 -10.31 6.56 -17.53
N LEU B 35 -11.09 5.71 -18.20
CA LEU B 35 -10.79 5.25 -19.55
C LEU B 35 -10.46 6.39 -20.52
N GLY B 36 -11.12 7.54 -20.33
CA GLY B 36 -10.88 8.70 -21.16
C GLY B 36 -9.48 9.29 -20.99
N ASP B 37 -8.94 9.21 -19.78
CA ASP B 37 -7.59 9.70 -19.53
C ASP B 37 -6.57 8.82 -20.23
N ILE B 38 -6.85 7.52 -20.24
CA ILE B 38 -5.95 6.58 -20.89
C ILE B 38 -5.98 6.80 -22.41
N ALA B 39 -7.17 7.03 -22.95
CA ALA B 39 -7.33 7.30 -24.38
C ALA B 39 -6.53 8.52 -24.81
N ALA B 40 -6.65 9.60 -24.05
CA ALA B 40 -5.93 10.83 -24.33
C ALA B 40 -4.42 10.62 -24.38
N ALA B 41 -3.90 9.90 -23.39
CA ALA B 41 -2.46 9.66 -23.30
C ALA B 41 -1.96 8.73 -24.41
N ALA B 42 -2.84 7.89 -24.92
CA ALA B 42 -2.47 6.97 -25.99
C ALA B 42 -2.59 7.64 -27.35
N GLY B 43 -3.45 8.64 -27.44
CA GLY B 43 -3.69 9.33 -28.70
C GLY B 43 -4.77 8.65 -29.51
N VAL B 44 -5.77 8.12 -28.82
CA VAL B 44 -6.92 7.51 -29.47
C VAL B 44 -8.20 8.11 -28.89
N GLY B 45 -9.32 7.87 -29.56
CA GLY B 45 -10.58 8.41 -29.11
C GLY B 45 -11.21 7.60 -28.00
N ARG B 46 -11.93 8.27 -27.11
CA ARG B 46 -12.67 7.59 -26.05
C ARG B 46 -13.65 6.59 -26.67
N SER B 47 -14.08 6.88 -27.89
CA SER B 47 -14.96 5.99 -28.63
C SER B 47 -14.23 4.71 -28.98
N THR B 48 -12.97 4.84 -29.38
CA THR B 48 -12.13 3.70 -29.73
C THR B 48 -11.89 2.79 -28.53
N VAL B 49 -11.51 3.37 -27.40
CA VAL B 49 -11.20 2.59 -26.22
C VAL B 49 -12.39 1.75 -25.75
N HIS B 50 -13.52 2.42 -25.53
CA HIS B 50 -14.72 1.74 -25.05
C HIS B 50 -15.19 0.65 -26.03
N ARG B 51 -14.59 0.64 -27.21
CA ARG B 51 -14.90 -0.38 -28.22
C ARG B 51 -14.06 -1.63 -28.01
N TYR B 52 -12.78 -1.45 -27.65
CA TYR B 52 -11.88 -2.57 -27.41
C TYR B 52 -11.93 -3.01 -25.96
N TYR B 53 -12.24 -2.08 -25.07
CA TYR B 53 -12.43 -2.39 -23.65
C TYR B 53 -13.72 -1.74 -23.15
N PRO B 54 -14.85 -2.40 -23.39
CA PRO B 54 -16.21 -1.91 -23.11
C PRO B 54 -16.40 -1.52 -21.64
N GLU B 55 -15.68 -2.19 -20.75
CA GLU B 55 -15.69 -1.84 -19.33
C GLU B 55 -14.27 -1.68 -18.82
N ARG B 56 -14.10 -0.79 -17.86
CA ARG B 56 -12.79 -0.50 -17.31
C ARG B 56 -12.10 -1.78 -16.84
N THR B 57 -12.89 -2.71 -16.30
CA THR B 57 -12.34 -3.96 -15.78
C THR B 57 -11.73 -4.78 -16.91
N ASP B 58 -12.23 -4.61 -18.12
CA ASP B 58 -11.70 -5.30 -19.29
C ASP B 58 -10.27 -4.88 -19.56
N LEU B 59 -10.04 -3.57 -19.52
CA LEU B 59 -8.71 -3.01 -19.77
C LEU B 59 -7.73 -3.44 -18.69
N LEU B 60 -8.15 -3.35 -17.44
CA LEU B 60 -7.33 -3.79 -16.31
C LEU B 60 -6.89 -5.25 -16.49
N ARG B 61 -7.81 -6.08 -16.96
CA ARG B 61 -7.50 -7.48 -17.23
C ARG B 61 -6.32 -7.63 -18.20
N ALA B 62 -6.44 -7.03 -19.37
CA ALA B 62 -5.38 -7.10 -20.39
C ALA B 62 -4.05 -6.52 -19.88
N LEU B 63 -4.12 -5.41 -19.16
CA LEU B 63 -2.93 -4.78 -18.62
C LEU B 63 -2.21 -5.71 -17.64
N ALA B 64 -2.97 -6.34 -16.76
CA ALA B 64 -2.42 -7.24 -15.76
C ALA B 64 -1.71 -8.44 -16.38
N ARG B 65 -2.32 -9.02 -17.41
CA ARG B 65 -1.70 -10.13 -18.11
C ARG B 65 -0.35 -9.69 -18.66
N HIS B 66 -0.33 -8.56 -19.34
CA HIS B 66 0.88 -8.03 -19.96
C HIS B 66 1.96 -7.69 -18.93
N VAL B 67 1.59 -6.95 -17.89
CA VAL B 67 2.54 -6.58 -16.84
C VAL B 67 3.07 -7.81 -16.09
N HIS B 68 2.22 -8.79 -15.83
CA HIS B 68 2.70 -10.01 -15.19
CA HIS B 68 2.65 -10.04 -15.21
C HIS B 68 3.70 -10.75 -16.07
N ASP B 69 3.45 -10.76 -17.38
CA ASP B 69 4.39 -11.36 -18.32
C ASP B 69 5.74 -10.64 -18.25
N LEU B 70 5.72 -9.32 -18.23
CA LEU B 70 6.95 -8.52 -18.16
C LEU B 70 7.71 -8.77 -16.87
N SER B 71 6.99 -8.81 -15.75
CA SER B 71 7.59 -9.01 -14.44
C SER B 71 8.25 -10.39 -14.36
N ASN B 72 7.55 -11.41 -14.85
CA ASN B 72 8.06 -12.77 -14.86
C ASN B 72 9.29 -12.92 -15.74
N ALA B 73 9.24 -12.29 -16.93
CA ALA B 73 10.36 -12.33 -17.85
C ALA B 73 11.58 -11.64 -17.24
N ALA B 74 11.35 -10.56 -16.51
CA ALA B 74 12.43 -9.82 -15.88
C ALA B 74 13.12 -10.66 -14.81
N ILE B 75 12.33 -11.35 -14.00
CA ILE B 75 12.87 -12.19 -12.94
C ILE B 75 13.66 -13.36 -13.50
N GLU B 76 13.11 -14.00 -14.52
CA GLU B 76 13.78 -15.13 -15.17
C GLU B 76 15.11 -14.67 -15.80
N ARG B 77 15.10 -13.51 -16.42
CA ARG B 77 16.31 -12.96 -17.04
C ARG B 77 17.37 -12.69 -15.98
N ALA B 78 16.94 -12.29 -14.79
CA ALA B 78 17.86 -11.98 -13.70
C ALA B 78 18.57 -13.23 -13.20
N ASP B 79 18.04 -14.40 -13.56
CA ASP B 79 18.62 -15.68 -13.18
C ASP B 79 18.99 -15.72 -11.71
N PRO B 80 17.99 -15.85 -10.83
CA PRO B 80 18.14 -15.78 -9.37
C PRO B 80 18.92 -16.95 -8.79
N THR B 81 19.10 -18.02 -9.56
CA THR B 81 19.83 -19.18 -9.07
C THR B 81 21.29 -19.12 -9.47
N SER B 82 21.68 -18.05 -10.14
CA SER B 82 23.04 -17.93 -10.67
C SER B 82 23.93 -17.06 -9.80
N GLY B 83 25.18 -17.50 -9.64
CA GLY B 83 26.20 -16.75 -8.93
C GLY B 83 25.87 -16.51 -7.46
N PRO B 84 26.64 -15.62 -6.83
CA PRO B 84 26.42 -15.25 -5.43
C PRO B 84 25.01 -14.72 -5.21
N VAL B 85 24.38 -15.12 -4.11
CA VAL B 85 23.01 -14.75 -3.83
C VAL B 85 22.84 -13.24 -3.69
N ASP B 86 23.84 -12.58 -3.13
CA ASP B 86 23.78 -11.13 -2.95
C ASP B 86 23.59 -10.45 -4.31
N ALA B 87 24.45 -10.82 -5.26
CA ALA B 87 24.41 -10.23 -6.59
C ALA B 87 23.10 -10.57 -7.29
N ALA B 88 22.60 -11.77 -7.05
CA ALA B 88 21.37 -12.23 -7.67
C ALA B 88 20.19 -11.41 -7.14
N LEU B 89 20.16 -11.21 -5.83
CA LEU B 89 19.13 -10.40 -5.19
C LEU B 89 19.07 -9.02 -5.82
N ARG B 90 20.24 -8.42 -6.03
CA ARG B 90 20.34 -7.09 -6.62
C ARG B 90 19.77 -7.05 -8.05
N ARG B 91 20.08 -8.05 -8.85
CA ARG B 91 19.55 -8.13 -10.21
C ARG B 91 18.03 -8.22 -10.18
N VAL B 92 17.49 -9.05 -9.29
CA VAL B 92 16.04 -9.15 -9.11
C VAL B 92 15.42 -7.81 -8.70
N VAL B 93 15.96 -7.21 -7.65
CA VAL B 93 15.48 -5.90 -7.19
C VAL B 93 15.51 -4.87 -8.31
N GLU B 94 16.62 -4.81 -9.02
CA GLU B 94 16.82 -3.81 -10.04
C GLU B 94 15.79 -3.99 -11.16
N SER B 95 15.60 -5.23 -11.57
CA SER B 95 14.71 -5.53 -12.69
C SER B 95 13.26 -5.17 -12.36
N GLN B 96 12.86 -5.32 -11.10
CA GLN B 96 11.50 -4.96 -10.72
C GLN B 96 11.38 -3.45 -10.57
N LEU B 97 12.42 -2.85 -9.99
CA LEU B 97 12.45 -1.39 -9.85
C LEU B 97 12.29 -0.69 -11.20
N ASP B 98 12.99 -1.20 -12.21
CA ASP B 98 13.01 -0.56 -13.52
C ASP B 98 11.67 -0.71 -14.26
N LEU B 99 10.89 -1.71 -13.90
CA LEU B 99 9.55 -1.86 -14.46
C LEU B 99 8.61 -0.80 -13.92
N GLY B 100 8.87 -0.34 -12.71
CA GLY B 100 8.07 0.72 -12.12
C GLY B 100 6.86 0.21 -11.38
N PRO B 101 6.13 1.13 -10.73
CA PRO B 101 5.03 0.85 -9.78
C PRO B 101 3.87 0.10 -10.39
N ILE B 102 3.75 0.11 -11.72
CA ILE B 102 2.65 -0.60 -12.36
C ILE B 102 2.69 -2.09 -11.97
N VAL B 103 3.88 -2.58 -11.68
CA VAL B 103 4.07 -3.96 -11.23
C VAL B 103 3.26 -4.28 -9.97
N LEU B 104 3.22 -3.33 -9.04
CA LEU B 104 2.42 -3.49 -7.82
C LEU B 104 0.95 -3.26 -8.10
N PHE B 105 0.66 -2.24 -8.90
CA PHE B 105 -0.71 -1.93 -9.26
C PHE B 105 -1.50 -3.16 -9.67
N VAL B 106 -0.96 -3.95 -10.61
CA VAL B 106 -1.69 -5.11 -11.11
C VAL B 106 -1.75 -6.26 -10.10
N TYR B 107 -0.86 -6.23 -9.12
CA TYR B 107 -0.72 -7.30 -8.15
C TYR B 107 -1.45 -7.03 -6.82
N TYR B 108 -2.02 -5.84 -6.68
CA TYR B 108 -2.71 -5.43 -5.46
C TYR B 108 -4.20 -5.17 -5.68
N GLU B 109 -4.53 -4.75 -6.90
CA GLU B 109 -5.89 -4.39 -7.27
C GLU B 109 -6.93 -5.47 -6.92
N PRO B 110 -7.91 -5.12 -6.08
CA PRO B 110 -8.98 -6.03 -5.64
C PRO B 110 -9.64 -6.75 -6.82
N SER B 111 -9.92 -6.02 -7.89
CA SER B 111 -10.46 -6.60 -9.12
C SER B 111 -9.75 -7.89 -9.49
N ASP B 126 4.66 -14.63 -7.56
CA ASP B 126 5.71 -15.34 -8.29
C ASP B 126 6.47 -16.31 -7.39
N GLU B 127 6.58 -17.55 -7.84
CA GLU B 127 7.27 -18.59 -7.08
C GLU B 127 8.78 -18.38 -7.06
N ALA B 128 9.34 -17.95 -8.19
CA ALA B 128 10.78 -17.76 -8.31
C ALA B 128 11.35 -16.81 -7.26
N ILE B 129 10.57 -15.80 -6.88
CA ILE B 129 10.98 -14.88 -5.84
C ILE B 129 11.14 -15.60 -4.51
N VAL B 130 10.28 -16.57 -4.25
CA VAL B 130 10.38 -17.38 -3.04
C VAL B 130 11.64 -18.26 -3.08
N GLU B 131 12.12 -18.53 -4.28
CA GLU B 131 13.34 -19.30 -4.45
C GLU B 131 14.56 -18.47 -4.07
N VAL B 132 14.69 -17.32 -4.71
CA VAL B 132 15.83 -16.43 -4.45
C VAL B 132 15.79 -15.95 -3.01
N LEU B 133 14.62 -16.04 -2.38
CA LEU B 133 14.49 -15.69 -0.97
C LEU B 133 14.87 -16.87 -0.07
N ASN B 134 14.57 -18.07 -0.53
CA ASN B 134 14.95 -19.28 0.21
C ASN B 134 16.14 -19.98 -0.42
N GLU B 142 11.56 -17.53 11.24
CA GLU B 142 10.21 -18.08 11.37
C GLU B 142 9.16 -17.04 10.98
N TYR B 143 8.79 -17.02 9.70
CA TYR B 143 7.77 -16.11 9.20
C TYR B 143 6.55 -16.88 8.71
N PRO B 144 5.36 -16.32 8.96
CA PRO B 144 4.10 -16.89 8.45
C PRO B 144 4.19 -17.06 6.94
N PRO B 145 3.42 -18.01 6.39
CA PRO B 145 3.48 -18.28 4.95
C PRO B 145 3.14 -17.04 4.12
N GLY B 146 3.94 -16.78 3.10
CA GLY B 146 3.71 -15.66 2.21
C GLY B 146 4.24 -14.34 2.74
N TRP B 147 4.61 -14.29 4.01
CA TRP B 147 5.04 -13.03 4.60
C TRP B 147 6.31 -12.48 3.94
N ALA B 148 7.27 -13.35 3.67
CA ALA B 148 8.52 -12.89 3.08
C ALA B 148 8.28 -12.20 1.73
N ARG B 149 7.38 -12.76 0.92
CA ARG B 149 7.09 -12.12 -0.36
C ARG B 149 6.35 -10.80 -0.15
N ARG B 150 5.46 -10.74 0.85
CA ARG B 150 4.81 -9.46 1.17
C ARG B 150 5.83 -8.40 1.56
N VAL B 151 6.86 -8.80 2.30
CA VAL B 151 7.93 -7.88 2.69
C VAL B 151 8.77 -7.44 1.48
N PHE B 152 9.09 -8.37 0.60
CA PHE B 152 9.78 -8.00 -0.64
C PHE B 152 9.01 -6.90 -1.37
N TRP B 153 7.71 -7.10 -1.55
CA TRP B 153 6.91 -6.13 -2.31
C TRP B 153 6.70 -4.80 -1.56
N ALA B 154 6.69 -4.85 -0.23
CA ALA B 154 6.67 -3.64 0.58
C ALA B 154 7.92 -2.79 0.34
N LEU B 155 9.07 -3.45 0.31
CA LEU B 155 10.32 -2.74 0.08
C LEU B 155 10.40 -2.19 -1.33
N MET B 156 9.86 -2.93 -2.30
CA MET B 156 9.76 -2.43 -3.67
C MET B 156 8.87 -1.18 -3.72
N GLN B 157 7.74 -1.22 -3.01
CA GLN B 157 6.85 -0.06 -2.92
CA GLN B 157 6.85 -0.07 -2.89
C GLN B 157 7.59 1.18 -2.37
N ALA B 158 8.32 1.00 -1.27
CA ALA B 158 9.14 2.09 -0.72
C ALA B 158 10.10 2.62 -1.78
N GLY B 159 10.71 1.69 -2.52
CA GLY B 159 11.61 2.02 -3.61
C GLY B 159 10.98 2.82 -4.74
N TYR B 160 9.78 2.43 -5.18
CA TYR B 160 9.11 3.18 -6.23
C TYR B 160 8.80 4.60 -5.78
N GLU B 161 8.43 4.75 -4.51
CA GLU B 161 8.09 6.07 -3.96
C GLU B 161 9.30 6.99 -3.83
N ALA B 162 10.43 6.43 -3.42
CA ALA B 162 11.68 7.16 -3.34
C ALA B 162 12.14 7.59 -4.72
N ALA B 163 11.93 6.73 -5.71
CA ALA B 163 12.27 7.05 -7.09
C ALA B 163 11.49 8.29 -7.53
N LYS B 164 10.19 8.28 -7.29
CA LYS B 164 9.32 9.41 -7.59
C LYS B 164 9.83 10.67 -6.92
N ASP B 165 10.42 10.49 -5.74
CA ASP B 165 10.89 11.61 -4.93
C ASP B 165 12.21 12.19 -5.43
N GLY B 166 12.88 11.45 -6.31
CA GLY B 166 14.11 11.91 -6.90
C GLY B 166 15.35 11.17 -6.43
N MET B 167 15.16 10.22 -5.51
CA MET B 167 16.27 9.41 -4.98
CA MET B 167 16.30 9.46 -5.00
C MET B 167 16.93 8.62 -6.10
N PRO B 168 18.28 8.64 -6.16
CA PRO B 168 19.00 7.93 -7.21
C PRO B 168 18.74 6.43 -7.18
N ARG B 169 18.73 5.83 -8.37
CA ARG B 169 18.41 4.44 -8.55
C ARG B 169 19.34 3.47 -7.79
N HIS B 170 20.65 3.68 -7.91
CA HIS B 170 21.62 2.82 -7.25
CA HIS B 170 21.62 2.82 -7.25
C HIS B 170 21.45 2.88 -5.72
N GLN B 171 21.15 4.08 -5.22
CA GLN B 171 20.94 4.29 -3.80
C GLN B 171 19.72 3.51 -3.32
N ILE B 172 18.64 3.57 -4.10
CA ILE B 172 17.43 2.82 -3.79
C ILE B 172 17.70 1.31 -3.75
N VAL B 173 18.38 0.78 -4.75
CA VAL B 173 18.71 -0.64 -4.79
C VAL B 173 19.51 -1.05 -3.55
N ASP B 174 20.50 -0.24 -3.19
CA ASP B 174 21.29 -0.47 -1.98
C ASP B 174 20.42 -0.51 -0.72
N ALA B 175 19.51 0.45 -0.59
CA ALA B 175 18.63 0.52 0.59
C ALA B 175 17.72 -0.69 0.71
N ILE B 176 17.19 -1.16 -0.43
CA ILE B 176 16.31 -2.33 -0.42
C ILE B 176 17.10 -3.57 0.00
N MET B 177 18.29 -3.72 -0.55
CA MET B 177 19.12 -4.88 -0.25
C MET B 177 19.45 -4.99 1.23
N THR B 178 19.89 -3.87 1.80
CA THR B 178 20.21 -3.82 3.22
C THR B 178 18.99 -4.02 4.10
N SER B 179 17.85 -3.49 3.67
CA SER B 179 16.62 -3.66 4.44
C SER B 179 16.23 -5.13 4.48
N LEU B 180 16.34 -5.81 3.35
CA LEU B 180 15.99 -7.24 3.28
C LEU B 180 16.89 -8.06 4.20
N THR B 181 18.16 -7.68 4.21
CA THR B 181 19.18 -8.43 4.92
C THR B 181 19.17 -8.20 6.42
N SER B 182 18.92 -6.96 6.84
CA SER B 182 19.09 -6.64 8.26
C SER B 182 18.03 -5.73 8.88
N GLY B 183 16.94 -5.46 8.17
CA GLY B 183 15.92 -4.57 8.70
C GLY B 183 16.35 -3.12 8.69
N ILE B 184 15.52 -2.23 9.24
CA ILE B 184 15.81 -0.80 9.16
C ILE B 184 16.10 -0.15 10.51
N ILE B 185 15.82 -0.86 11.61
CA ILE B 185 16.05 -0.30 12.93
C ILE B 185 16.75 -1.29 13.88
N THR B 186 17.26 -0.76 14.99
CA THR B 186 17.99 -1.59 15.95
C THR B 186 17.32 -1.54 17.32
N LEU B 187 17.21 -2.71 17.95
CA LEU B 187 16.53 -2.89 19.25
C LEU B 187 15.05 -3.14 19.05
#